data_1OC7
#
_entry.id   1OC7
#
_cell.length_a   57.504
_cell.length_b   60.148
_cell.length_c   97.207
_cell.angle_alpha   90.00
_cell.angle_beta   90.00
_cell.angle_gamma   90.00
#
_symmetry.space_group_name_H-M   'P 21 21 21'
#
loop_
_entity.id
_entity.type
_entity.pdbx_description
1 polymer 'CELLOBIOHYDROLASE II'
2 branched 'beta-D-glucopyranose-(1-4)-4-thio-beta-D-glucopyranose-(1-4)-4-thio-beta-D-glucopyranose-(1-4)-4-thio-beta-D-glucopyranose-(1-4)-methyl 4-thio-alpha-D-glucopyranoside'
3 non-polymer 2-acetamido-2-deoxy-beta-D-glucopyranose
4 non-polymer 'MAGNESIUM ION'
5 non-polymer 'ACETATE ION'
6 non-polymer DIMETHYLFORMAMIDE
7 non-polymer GLYCEROL
8 water water
#
_entity_poly.entity_id   1
_entity_poly.type   'polypeptide(L)'
_entity_poly.pdbx_seq_one_letter_code
;APYNGNPFEGVQLWANNYYRSEVHTLAIPQITDPALRAAASAVAEVPSFQWLDRNVTVDTLLVQTLSEIREANQAGANPQ
YAAQIVVYDLPDRDCAAAASNGEWAIANNGVNNYKAYINRIREILISFSDVRTILVIEPDSLANMVTNMNVPKCSGAAST
YRELTIYALKQLDLPHVAMYMDAGHAGWLGWPANIQPAAELFAKIYEDAGKPRAVRGLATNVANYNAWSVSSPPPYTSPN
PNYDEKHYIEAFRPLLEARGFPAQFIVDQGRSGKQPTGQKEWGHWCNAIGTGFGMRPTANTGHQYVDAFVWVKPGGECNG
TSDTTAARYDYHCGLEDALKPAPEAGQWFNEYFIQLLRNANPPF
;
_entity_poly.pdbx_strand_id   A
#
# COMPACT_ATOMS: atom_id res chain seq x y z
N ALA A 1 -18.19 10.56 -11.74
CA ALA A 1 -19.52 10.52 -11.04
C ALA A 1 -19.30 10.44 -9.54
N PRO A 2 -20.23 10.91 -8.75
CA PRO A 2 -20.11 10.82 -7.31
C PRO A 2 -20.41 9.41 -6.83
N TYR A 3 -20.12 9.17 -5.57
CA TYR A 3 -20.48 7.94 -4.90
C TYR A 3 -20.82 8.30 -3.45
N ASN A 4 -21.58 7.41 -2.83
CA ASN A 4 -21.86 7.50 -1.39
C ASN A 4 -21.23 6.31 -0.66
N GLY A 5 -20.76 6.52 0.52
CA GLY A 5 -20.32 5.42 1.33
C GLY A 5 -19.01 4.77 0.87
N ASN A 6 -18.95 3.45 1.04
CA ASN A 6 -17.72 2.68 0.79
C ASN A 6 -17.42 2.68 -0.70
N PRO A 7 -16.29 3.22 -1.16
CA PRO A 7 -15.98 3.28 -2.59
C PRO A 7 -15.78 1.92 -3.21
N PHE A 8 -15.54 0.87 -2.42
CA PHE A 8 -15.38 -0.47 -2.94
C PHE A 8 -16.72 -1.15 -3.22
N GLU A 9 -17.80 -0.59 -2.71
CA GLU A 9 -19.13 -1.18 -2.94
C GLU A 9 -19.65 -0.78 -4.31
N GLY A 10 -20.21 -1.77 -5.00
CA GLY A 10 -20.88 -1.48 -6.23
C GLY A 10 -20.01 -1.39 -7.46
N VAL A 11 -18.73 -1.71 -7.34
CA VAL A 11 -17.77 -1.75 -8.42
C VAL A 11 -17.00 -3.06 -8.40
N GLN A 12 -16.43 -3.43 -9.51
CA GLN A 12 -15.36 -4.42 -9.60
C GLN A 12 -14.03 -3.72 -9.44
N LEU A 13 -12.99 -4.45 -9.15
CA LEU A 13 -11.64 -3.88 -9.06
C LEU A 13 -10.85 -4.33 -10.27
N TRP A 14 -10.30 -3.38 -11.01
CA TRP A 14 -9.48 -3.67 -12.19
C TRP A 14 -8.18 -4.30 -11.81
N ALA A 15 -7.81 -5.38 -12.49
CA ALA A 15 -6.51 -6.02 -12.34
C ALA A 15 -5.68 -5.49 -13.49
N ASN A 16 -4.65 -4.72 -13.19
CA ASN A 16 -3.98 -3.93 -14.19
C ASN A 16 -3.03 -4.72 -15.06
N ASN A 17 -2.73 -4.16 -16.23
CA ASN A 17 -1.87 -4.79 -17.22
C ASN A 17 -0.42 -4.75 -16.92
N TYR A 18 0.05 -3.87 -16.06
CA TYR A 18 1.44 -3.85 -15.65
C TYR A 18 1.76 -5.16 -14.91
N TYR A 19 0.99 -5.44 -13.86
CA TYR A 19 1.21 -6.68 -13.10
C TYR A 19 0.93 -7.92 -13.98
N ARG A 20 -0.14 -7.87 -14.77
CA ARG A 20 -0.43 -9.02 -15.66
C ARG A 20 0.74 -9.26 -16.59
N SER A 21 1.35 -8.20 -17.15
CA SER A 21 2.50 -8.35 -18.03
C SER A 21 3.68 -8.89 -17.27
N GLU A 22 3.93 -8.47 -16.02
CA GLU A 22 5.01 -9.07 -15.25
C GLU A 22 4.81 -10.57 -15.16
N VAL A 23 3.60 -11.00 -14.80
CA VAL A 23 3.38 -12.42 -14.62
C VAL A 23 3.56 -13.15 -15.98
N HIS A 24 2.91 -12.67 -17.02
CA HIS A 24 2.95 -13.40 -18.28
C HIS A 24 4.27 -13.33 -19.03
N THR A 25 4.97 -12.21 -18.98
CA THR A 25 6.21 -12.07 -19.73
C THR A 25 7.46 -12.39 -18.91
N LEU A 26 7.41 -12.20 -17.58
CA LEU A 26 8.58 -12.41 -16.76
C LEU A 26 8.48 -13.71 -15.94
N ALA A 27 7.36 -13.99 -15.31
CA ALA A 27 7.24 -15.12 -14.36
C ALA A 27 6.99 -16.44 -15.10
N ILE A 28 5.88 -16.51 -15.85
CA ILE A 28 5.41 -17.76 -16.47
C ILE A 28 6.49 -18.38 -17.34
N PRO A 29 7.23 -17.62 -18.14
CA PRO A 29 8.27 -18.27 -18.97
C PRO A 29 9.28 -19.01 -18.16
N GLN A 30 9.44 -18.69 -16.87
CA GLN A 30 10.43 -19.32 -15.97
C GLN A 30 9.82 -20.50 -15.22
N ILE A 31 8.53 -20.80 -15.43
CA ILE A 31 7.84 -21.80 -14.66
C ILE A 31 7.50 -22.94 -15.60
N THR A 32 7.98 -24.16 -15.31
CA THR A 32 7.68 -25.33 -16.19
C THR A 32 6.57 -26.23 -15.63
N ASP A 33 6.26 -26.14 -14.36
CA ASP A 33 5.26 -27.03 -13.80
C ASP A 33 3.84 -26.63 -14.25
N PRO A 34 3.04 -27.48 -14.86
CA PRO A 34 1.73 -27.06 -15.36
C PRO A 34 0.85 -26.41 -14.29
N ALA A 35 0.78 -27.01 -13.11
CA ALA A 35 -0.16 -26.49 -12.10
C ALA A 35 0.32 -25.11 -11.59
N LEU A 36 1.60 -24.92 -11.44
CA LEU A 36 2.12 -23.62 -11.00
C LEU A 36 1.93 -22.57 -12.10
N ARG A 37 2.05 -22.96 -13.38
CA ARG A 37 1.79 -22.00 -14.44
C ARG A 37 0.35 -21.53 -14.38
N ALA A 38 -0.57 -22.48 -14.23
CA ALA A 38 -1.99 -22.14 -14.13
C ALA A 38 -2.29 -21.24 -12.91
N ALA A 39 -1.69 -21.55 -11.79
CA ALA A 39 -1.83 -20.73 -10.59
C ALA A 39 -1.30 -19.33 -10.82
N ALA A 40 -0.13 -19.23 -11.51
CA ALA A 40 0.45 -17.94 -11.85
C ALA A 40 -0.50 -17.13 -12.71
N SER A 41 -1.06 -17.79 -13.75
CA SER A 41 -1.99 -17.10 -14.59
C SER A 41 -3.16 -16.56 -13.79
N ALA A 42 -3.64 -17.34 -12.83
CA ALA A 42 -4.77 -16.90 -12.01
C ALA A 42 -4.40 -15.70 -11.14
N VAL A 43 -3.21 -15.68 -10.55
CA VAL A 43 -2.87 -14.56 -9.68
CA VAL A 43 -2.78 -14.57 -9.69
C VAL A 43 -2.72 -13.27 -10.47
N ALA A 44 -2.34 -13.35 -11.75
CA ALA A 44 -2.29 -12.18 -12.62
C ALA A 44 -3.63 -11.49 -12.75
N GLU A 45 -4.70 -12.19 -12.46
CA GLU A 45 -6.07 -11.64 -12.54
C GLU A 45 -6.58 -11.10 -11.23
N VAL A 46 -5.76 -11.15 -10.16
CA VAL A 46 -6.16 -10.60 -8.86
C VAL A 46 -5.86 -9.09 -8.85
N PRO A 47 -6.81 -8.26 -8.51
CA PRO A 47 -6.62 -6.80 -8.67
C PRO A 47 -5.86 -6.16 -7.50
N SER A 48 -4.59 -5.86 -7.74
CA SER A 48 -3.72 -5.20 -6.80
C SER A 48 -3.53 -3.73 -7.18
N PHE A 49 -3.13 -2.92 -6.21
CA PHE A 49 -2.84 -1.50 -6.46
C PHE A 49 -1.70 -1.33 -7.42
N GLN A 50 -1.77 -0.24 -8.19
CA GLN A 50 -0.70 0.24 -9.04
C GLN A 50 -0.02 1.44 -8.39
N TRP A 51 1.29 1.42 -8.29
CA TRP A 51 2.04 2.42 -7.54
C TRP A 51 2.64 3.51 -8.40
N LEU A 52 2.38 4.77 -8.03
CA LEU A 52 3.03 5.91 -8.68
C LEU A 52 4.23 6.26 -7.83
N ASP A 53 5.21 5.39 -7.81
CA ASP A 53 6.35 5.50 -6.92
C ASP A 53 7.54 6.25 -7.55
N ARG A 54 7.39 6.66 -8.79
CA ARG A 54 8.32 7.50 -9.52
C ARG A 54 7.49 8.42 -10.39
N ASN A 55 7.95 9.64 -10.59
CA ASN A 55 7.21 10.60 -11.37
C ASN A 55 6.87 10.16 -12.77
N VAL A 56 7.76 9.40 -13.41
CA VAL A 56 7.54 8.95 -14.77
C VAL A 56 6.27 8.10 -14.91
N THR A 57 5.76 7.52 -13.80
CA THR A 57 4.56 6.69 -13.86
C THR A 57 3.28 7.50 -14.11
N VAL A 58 3.31 8.82 -13.84
CA VAL A 58 2.06 9.62 -13.92
C VAL A 58 1.55 9.72 -15.32
N ASP A 59 2.40 10.15 -16.28
CA ASP A 59 1.98 10.29 -17.65
C ASP A 59 2.13 9.02 -18.48
N THR A 60 2.51 7.92 -17.85
CA THR A 60 2.55 6.60 -18.47
C THR A 60 1.49 5.67 -17.84
N LEU A 61 1.85 5.02 -16.76
CA LEU A 61 1.03 4.02 -16.13
C LEU A 61 -0.34 4.55 -15.73
N LEU A 62 -0.41 5.71 -15.08
CA LEU A 62 -1.70 6.17 -14.59
C LEU A 62 -2.65 6.39 -15.74
N VAL A 63 -2.19 7.11 -16.76
CA VAL A 63 -2.98 7.38 -17.95
C VAL A 63 -3.39 6.07 -18.63
N GLN A 64 -2.46 5.14 -18.79
CA GLN A 64 -2.76 3.88 -19.46
C GLN A 64 -3.81 3.10 -18.68
N THR A 65 -3.64 2.94 -17.39
CA THR A 65 -4.61 2.19 -16.58
C THR A 65 -6.00 2.82 -16.65
N LEU A 66 -6.09 4.11 -16.44
CA LEU A 66 -7.40 4.76 -16.45
C LEU A 66 -8.02 4.63 -17.85
N SER A 67 -7.22 4.78 -18.90
CA SER A 67 -7.72 4.62 -20.28
C SER A 67 -8.25 3.21 -20.50
N GLU A 68 -7.55 2.21 -20.02
CA GLU A 68 -7.96 0.81 -20.20
C GLU A 68 -9.22 0.52 -19.38
N ILE A 69 -9.36 1.08 -18.19
CA ILE A 69 -10.57 0.88 -17.41
C ILE A 69 -11.77 1.57 -18.10
N ARG A 70 -11.59 2.78 -18.57
CA ARG A 70 -12.64 3.47 -19.32
C ARG A 70 -13.06 2.57 -20.49
N GLU A 71 -12.11 2.06 -21.25
CA GLU A 71 -12.44 1.16 -22.39
C GLU A 71 -13.27 -0.01 -21.90
N ALA A 72 -12.86 -0.69 -20.84
CA ALA A 72 -13.58 -1.87 -20.34
C ALA A 72 -14.95 -1.53 -19.88
N ASN A 73 -15.13 -0.37 -19.25
CA ASN A 73 -16.40 0.03 -18.75
C ASN A 73 -17.33 0.42 -19.89
N GLN A 74 -16.81 1.15 -20.86
CA GLN A 74 -17.62 1.48 -22.05
C GLN A 74 -17.99 0.24 -22.84
N ALA A 75 -17.19 -0.82 -22.74
CA ALA A 75 -17.45 -2.13 -23.40
C ALA A 75 -18.31 -3.02 -22.52
N GLY A 76 -18.91 -2.50 -21.47
CA GLY A 76 -19.97 -3.17 -20.75
C GLY A 76 -19.61 -3.90 -19.47
N ALA A 77 -18.44 -3.63 -18.88
CA ALA A 77 -18.13 -4.28 -17.61
C ALA A 77 -19.24 -4.02 -16.61
N ASN A 78 -19.68 -5.07 -15.91
CA ASN A 78 -20.79 -4.97 -15.01
C ASN A 78 -20.54 -5.79 -13.74
N PRO A 79 -20.42 -5.17 -12.59
CA PRO A 79 -20.43 -3.71 -12.42
C PRO A 79 -19.15 -3.06 -12.99
N GLN A 80 -19.19 -1.73 -13.06
CA GLN A 80 -18.06 -0.96 -13.52
C GLN A 80 -16.78 -1.30 -12.76
N TYR A 81 -15.66 -1.30 -13.46
CA TYR A 81 -14.34 -1.38 -12.78
C TYR A 81 -13.96 -0.05 -12.13
N ALA A 82 -13.24 -0.14 -10.99
CA ALA A 82 -12.58 0.99 -10.35
C ALA A 82 -11.08 0.78 -10.32
N ALA A 83 -10.34 1.88 -10.26
CA ALA A 83 -8.90 1.91 -10.16
C ALA A 83 -8.43 1.97 -8.71
N GLN A 84 -7.26 1.37 -8.47
CA GLN A 84 -6.59 1.36 -7.17
C GLN A 84 -5.15 1.85 -7.39
N ILE A 85 -4.80 2.99 -6.82
CA ILE A 85 -3.53 3.69 -7.13
C ILE A 85 -2.87 4.12 -5.80
N VAL A 86 -1.57 3.95 -5.73
CA VAL A 86 -0.77 4.46 -4.61
C VAL A 86 -0.02 5.73 -5.02
N VAL A 87 -0.14 6.78 -4.24
CA VAL A 87 0.64 8.02 -4.38
C VAL A 87 1.85 7.89 -3.48
N TYR A 88 3.07 7.86 -4.02
CA TYR A 88 4.25 7.53 -3.23
C TYR A 88 5.49 8.21 -3.77
N ASP A 89 5.58 9.53 -3.58
CA ASP A 89 6.76 10.25 -4.06
C ASP A 89 7.11 11.48 -3.26
N LEU A 90 6.83 11.48 -1.96
CA LEU A 90 7.25 12.63 -1.12
C LEU A 90 8.73 12.86 -1.26
N PRO A 91 9.17 14.12 -1.20
CA PRO A 91 10.60 14.41 -1.13
C PRO A 91 11.14 14.02 0.22
N ASP A 92 12.44 13.67 0.24
CA ASP A 92 13.04 13.09 1.41
C ASP A 92 12.21 11.89 1.89
N ARG A 93 11.80 11.07 0.94
CA ARG A 93 10.90 9.92 1.17
C ARG A 93 11.55 8.95 2.10
N ASP A 94 10.73 8.28 2.91
CA ASP A 94 11.22 7.18 3.78
C ASP A 94 12.31 7.69 4.70
N CYS A 95 12.01 8.74 5.46
CA CYS A 95 13.04 9.47 6.18
C CYS A 95 13.84 8.65 7.19
N ALA A 96 13.26 7.58 7.75
CA ALA A 96 13.93 6.76 8.74
C ALA A 96 14.56 5.50 8.15
N ALA A 97 14.46 5.32 6.86
CA ALA A 97 14.98 4.09 6.22
C ALA A 97 16.51 4.09 6.19
N ALA A 98 17.07 2.92 6.18
CA ALA A 98 18.51 2.77 6.02
C ALA A 98 18.94 3.24 4.68
N ALA A 99 18.11 3.07 3.66
CA ALA A 99 18.34 3.53 2.29
C ALA A 99 16.97 3.86 1.73
N SER A 100 16.84 4.93 0.99
CA SER A 100 15.58 5.24 0.32
C SER A 100 15.76 5.21 -1.16
N ASN A 101 14.75 4.74 -1.87
CA ASN A 101 14.66 4.79 -3.31
C ASN A 101 13.91 6.00 -3.82
N GLY A 102 13.47 6.90 -2.95
CA GLY A 102 12.74 8.08 -3.39
C GLY A 102 13.64 8.99 -4.25
N GLU A 103 13.11 9.50 -5.35
CA GLU A 103 13.92 10.25 -6.32
C GLU A 103 14.14 11.72 -5.93
N TRP A 104 13.32 12.31 -5.05
CA TRP A 104 13.39 13.74 -4.82
C TRP A 104 13.89 14.08 -3.43
N ALA A 105 14.62 15.19 -3.34
CA ALA A 105 15.14 15.69 -2.08
C ALA A 105 14.56 17.07 -1.81
N ILE A 106 14.20 17.32 -0.56
CA ILE A 106 13.78 18.66 -0.18
C ILE A 106 14.81 19.72 -0.63
N ALA A 107 16.10 19.40 -0.48
CA ALA A 107 17.20 20.33 -0.82
C ALA A 107 17.31 20.60 -2.30
N ASN A 108 16.72 19.76 -3.18
CA ASN A 108 16.85 19.90 -4.61
C ASN A 108 15.43 20.12 -5.23
N ASN A 109 14.75 21.14 -4.77
CA ASN A 109 13.46 21.54 -5.31
C ASN A 109 12.36 20.50 -5.08
N GLY A 110 12.49 19.68 -4.04
CA GLY A 110 11.54 18.58 -3.86
C GLY A 110 10.13 19.00 -3.59
N VAL A 111 9.93 20.05 -2.81
CA VAL A 111 8.58 20.55 -2.52
C VAL A 111 7.87 20.94 -3.80
N ASN A 112 8.52 21.76 -4.64
CA ASN A 112 7.91 22.15 -5.89
C ASN A 112 7.68 20.96 -6.80
N ASN A 113 8.63 20.03 -6.82
CA ASN A 113 8.47 18.84 -7.65
C ASN A 113 7.20 18.08 -7.25
N TYR A 114 7.02 17.91 -5.93
CA TYR A 114 5.90 17.15 -5.42
C TYR A 114 4.56 17.82 -5.68
N LYS A 115 4.52 19.16 -5.48
CA LYS A 115 3.28 19.86 -5.75
C LYS A 115 2.87 19.72 -7.22
N ALA A 116 3.87 19.81 -8.12
CA ALA A 116 3.60 19.64 -9.54
C ALA A 116 3.08 18.23 -9.85
N TYR A 117 3.67 17.21 -9.23
CA TYR A 117 3.26 15.80 -9.36
C TYR A 117 1.79 15.66 -8.92
N ILE A 118 1.44 16.18 -7.76
CA ILE A 118 0.03 16.17 -7.31
C ILE A 118 -0.86 16.90 -8.30
N ASN A 119 -0.42 18.07 -8.77
CA ASN A 119 -1.24 18.86 -9.69
C ASN A 119 -1.48 18.09 -10.97
N ARG A 120 -0.46 17.39 -11.47
CA ARG A 120 -0.63 16.61 -12.71
C ARG A 120 -1.54 15.41 -12.48
N ILE A 121 -1.39 14.72 -11.34
CA ILE A 121 -2.31 13.65 -10.98
C ILE A 121 -3.74 14.19 -10.96
N ARG A 122 -3.96 15.36 -10.33
CA ARG A 122 -5.31 15.94 -10.30
C ARG A 122 -5.85 16.12 -11.70
N GLU A 123 -5.06 16.67 -12.63
CA GLU A 123 -5.52 16.90 -13.98
C GLU A 123 -5.94 15.57 -14.62
N ILE A 124 -5.17 14.52 -14.44
CA ILE A 124 -5.47 13.22 -15.04
C ILE A 124 -6.71 12.61 -14.42
N LEU A 125 -6.83 12.67 -13.09
CA LEU A 125 -8.03 12.15 -12.45
C LEU A 125 -9.29 12.87 -12.94
N ILE A 126 -9.22 14.21 -13.05
CA ILE A 126 -10.37 14.95 -13.63
C ILE A 126 -10.70 14.48 -15.02
N SER A 127 -9.69 14.28 -15.86
CA SER A 127 -9.92 13.78 -17.21
CA SER A 127 -9.98 13.82 -17.21
CA SER A 127 -9.92 13.75 -17.21
C SER A 127 -10.71 12.46 -17.18
N PHE A 128 -10.35 11.62 -16.22
CA PHE A 128 -10.96 10.30 -16.00
C PHE A 128 -11.93 10.28 -14.85
N SER A 129 -12.75 11.32 -14.72
CA SER A 129 -13.76 11.38 -13.68
C SER A 129 -14.78 10.25 -13.75
N ASP A 130 -14.93 9.66 -14.92
CA ASP A 130 -15.81 8.51 -15.12
C ASP A 130 -15.28 7.23 -14.53
N VAL A 131 -14.06 7.17 -14.05
CA VAL A 131 -13.44 5.97 -13.47
C VAL A 131 -13.27 6.17 -11.97
N ARG A 132 -14.11 5.55 -11.17
CA ARG A 132 -13.96 5.69 -9.73
C ARG A 132 -12.53 5.26 -9.34
N THR A 133 -11.84 6.08 -8.55
CA THR A 133 -10.41 5.89 -8.28
C THR A 133 -10.16 5.95 -6.79
N ILE A 134 -9.56 4.88 -6.28
CA ILE A 134 -9.25 4.72 -4.87
C ILE A 134 -7.76 4.86 -4.68
N LEU A 135 -7.35 5.76 -3.81
CA LEU A 135 -5.95 6.08 -3.57
C LEU A 135 -5.50 5.70 -2.17
N VAL A 136 -4.29 5.14 -2.08
CA VAL A 136 -3.53 5.08 -0.85
C VAL A 136 -2.53 6.23 -0.92
N ILE A 137 -2.51 7.09 0.10
CA ILE A 137 -1.62 8.23 0.16
C ILE A 137 -0.40 7.92 1.00
N GLU A 138 0.76 7.85 0.31
CA GLU A 138 2.12 7.93 0.87
C GLU A 138 2.42 6.94 1.99
N PRO A 139 2.61 5.66 1.64
CA PRO A 139 3.18 4.69 2.59
C PRO A 139 4.45 5.26 3.24
N ASP A 140 4.68 4.82 4.46
CA ASP A 140 5.96 5.09 5.15
C ASP A 140 6.25 6.60 5.22
N SER A 141 5.25 7.42 5.53
CA SER A 141 5.41 8.87 5.60
C SER A 141 5.10 9.35 7.01
N LEU A 142 3.85 9.75 7.27
CA LEU A 142 3.49 10.33 8.56
C LEU A 142 3.63 9.37 9.70
N ALA A 143 3.61 8.05 9.50
CA ALA A 143 3.88 7.16 10.62
C ALA A 143 5.24 7.46 11.26
N ASN A 144 6.20 7.95 10.46
CA ASN A 144 7.50 8.34 11.00
C ASN A 144 7.41 9.53 11.96
N MET A 145 6.44 10.39 11.84
CA MET A 145 6.29 11.50 12.78
C MET A 145 5.83 11.00 14.10
N VAL A 146 5.28 9.79 14.18
CA VAL A 146 4.85 9.24 15.46
C VAL A 146 6.01 8.70 16.27
N THR A 147 6.92 7.97 15.67
CA THR A 147 7.93 7.26 16.41
C THR A 147 9.35 7.61 16.04
N ASN A 148 9.62 8.30 14.95
CA ASN A 148 10.96 8.46 14.43
C ASN A 148 11.43 9.92 14.38
N MET A 149 10.88 10.78 15.21
CA MET A 149 11.30 12.19 15.19
C MET A 149 12.68 12.41 15.80
N ASN A 150 13.26 11.39 16.39
CA ASN A 150 14.68 11.38 16.79
C ASN A 150 15.59 11.28 15.60
N VAL A 151 15.13 10.78 14.47
CA VAL A 151 15.96 10.65 13.29
C VAL A 151 16.10 12.05 12.65
N PRO A 152 17.31 12.59 12.48
CA PRO A 152 17.39 13.95 11.96
C PRO A 152 16.63 14.21 10.68
N LYS A 153 16.74 13.28 9.72
CA LYS A 153 16.05 13.46 8.43
C LYS A 153 14.55 13.52 8.62
N CYS A 154 14.01 12.74 9.56
CA CYS A 154 12.57 12.79 9.83
C CYS A 154 12.16 14.09 10.47
N SER A 155 12.90 14.55 11.49
CA SER A 155 12.53 15.81 12.10
C SER A 155 12.65 16.94 11.09
N GLY A 156 13.64 16.91 10.25
CA GLY A 156 13.83 17.93 9.23
C GLY A 156 12.76 17.90 8.13
N ALA A 157 12.15 16.75 7.89
CA ALA A 157 11.13 16.55 6.88
C ALA A 157 9.71 16.70 7.42
N ALA A 158 9.51 16.73 8.70
CA ALA A 158 8.18 16.56 9.29
C ALA A 158 7.22 17.65 8.76
N SER A 159 7.61 18.90 8.79
CA SER A 159 6.71 19.96 8.36
C SER A 159 6.37 19.81 6.89
N THR A 160 7.31 19.33 6.10
CA THR A 160 7.10 19.09 4.69
C THR A 160 6.16 17.91 4.48
N TYR A 161 6.36 16.79 5.17
CA TYR A 161 5.43 15.68 5.06
C TYR A 161 4.03 16.15 5.41
N ARG A 162 3.88 16.90 6.48
CA ARG A 162 2.56 17.35 6.87
C ARG A 162 1.94 18.27 5.85
N GLU A 163 2.65 19.31 5.43
CA GLU A 163 2.09 20.27 4.49
C GLU A 163 1.76 19.63 3.17
N LEU A 164 2.64 18.77 2.67
CA LEU A 164 2.40 18.15 1.39
C LEU A 164 1.33 17.07 1.45
N THR A 165 1.13 16.43 2.58
CA THR A 165 0.01 15.51 2.75
C THR A 165 -1.30 16.29 2.67
N ILE A 166 -1.38 17.42 3.42
CA ILE A 166 -2.58 18.24 3.37
C ILE A 166 -2.82 18.74 1.92
N TYR A 167 -1.75 19.12 1.20
CA TYR A 167 -1.87 19.55 -0.16
C TYR A 167 -2.49 18.45 -1.01
N ALA A 168 -2.00 17.22 -0.88
CA ALA A 168 -2.55 16.11 -1.64
C ALA A 168 -4.00 15.85 -1.28
N LEU A 169 -4.33 15.86 0.00
CA LEU A 169 -5.71 15.58 0.43
C LEU A 169 -6.66 16.59 -0.16
N LYS A 170 -6.26 17.84 -0.22
CA LYS A 170 -7.14 18.88 -0.78
C LYS A 170 -7.20 18.85 -2.30
N GLN A 171 -6.04 18.71 -2.94
CA GLN A 171 -6.01 18.74 -4.40
C GLN A 171 -6.68 17.52 -5.02
N LEU A 172 -6.66 16.37 -4.34
CA LEU A 172 -7.22 15.13 -4.86
C LEU A 172 -8.61 14.84 -4.29
N ASP A 173 -9.17 15.81 -3.57
CA ASP A 173 -10.53 15.71 -3.03
C ASP A 173 -11.52 15.96 -4.13
N LEU A 174 -11.80 14.94 -4.93
CA LEU A 174 -12.67 14.98 -6.08
C LEU A 174 -13.79 13.99 -5.88
N PRO A 175 -14.99 14.28 -6.42
CA PRO A 175 -16.14 13.41 -6.15
C PRO A 175 -16.00 11.97 -6.55
N HIS A 176 -15.17 11.63 -7.54
CA HIS A 176 -15.01 10.25 -7.98
C HIS A 176 -13.84 9.54 -7.32
N VAL A 177 -13.20 10.21 -6.36
CA VAL A 177 -12.02 9.70 -5.68
C VAL A 177 -12.34 9.33 -4.24
N ALA A 178 -11.63 8.31 -3.75
CA ALA A 178 -11.51 8.01 -2.32
C ALA A 178 -10.05 7.97 -1.94
N MET A 179 -9.71 8.43 -0.74
CA MET A 179 -8.37 8.40 -0.20
C MET A 179 -8.32 7.72 1.15
N TYR A 180 -7.24 6.95 1.33
CA TYR A 180 -6.87 6.31 2.58
C TYR A 180 -5.41 6.71 2.86
N MET A 181 -5.15 7.41 3.95
CA MET A 181 -3.76 7.71 4.31
C MET A 181 -3.10 6.48 4.89
N ASP A 182 -1.84 6.23 4.56
CA ASP A 182 -1.12 5.16 5.21
C ASP A 182 -1.09 5.37 6.72
N ALA A 183 -1.24 4.27 7.46
CA ALA A 183 -1.12 4.32 8.92
C ALA A 183 -0.32 3.14 9.44
N GLY A 184 0.78 2.81 8.78
CA GLY A 184 1.63 1.79 9.34
C GLY A 184 0.91 0.46 9.48
N HIS A 185 1.21 -0.26 10.54
CA HIS A 185 0.67 -1.60 10.79
C HIS A 185 0.67 -1.88 12.29
N ALA A 186 0.08 -2.98 12.66
CA ALA A 186 -0.07 -3.32 14.09
C ALA A 186 1.27 -3.32 14.83
N GLY A 187 2.34 -3.75 14.16
CA GLY A 187 3.63 -3.84 14.78
C GLY A 187 4.47 -2.61 14.68
N TRP A 188 3.89 -1.50 14.21
CA TRP A 188 4.51 -0.18 14.23
C TRP A 188 3.66 0.72 15.11
N LEU A 189 2.54 1.21 14.62
CA LEU A 189 1.71 2.15 15.36
C LEU A 189 0.72 1.48 16.31
N GLY A 190 0.53 0.15 16.21
CA GLY A 190 -0.39 -0.52 17.09
C GLY A 190 0.15 -0.88 18.44
N TRP A 191 1.44 -0.75 18.69
CA TRP A 191 1.93 -0.92 20.04
C TRP A 191 1.22 0.05 20.96
N PRO A 192 0.87 -0.36 22.17
CA PRO A 192 0.19 0.56 23.09
C PRO A 192 0.87 1.92 23.28
N ALA A 193 2.14 2.05 23.32
CA ALA A 193 2.76 3.35 23.58
C ALA A 193 2.59 4.29 22.37
N ASN A 194 2.30 3.74 21.18
CA ASN A 194 2.27 4.54 19.93
C ASN A 194 0.88 4.89 19.47
N ILE A 195 -0.13 4.18 19.91
CA ILE A 195 -1.39 4.21 19.24
C ILE A 195 -2.19 5.54 19.49
N GLN A 196 -2.16 6.09 20.72
CA GLN A 196 -2.80 7.38 20.93
C GLN A 196 -2.07 8.55 20.25
N PRO A 197 -0.74 8.63 20.30
CA PRO A 197 -0.03 9.65 19.49
C PRO A 197 -0.35 9.53 18.01
N ALA A 198 -0.46 8.29 17.49
CA ALA A 198 -0.84 8.13 16.10
C ALA A 198 -2.23 8.65 15.80
N ALA A 199 -3.18 8.36 16.70
CA ALA A 199 -4.54 8.85 16.51
C ALA A 199 -4.54 10.38 16.51
N GLU A 200 -3.83 11.01 17.45
CA GLU A 200 -3.76 12.45 17.53
C GLU A 200 -3.22 13.04 16.22
N LEU A 201 -2.16 12.47 15.69
CA LEU A 201 -1.54 12.99 14.47
C LEU A 201 -2.51 12.88 13.29
N PHE A 202 -3.02 11.70 13.03
CA PHE A 202 -3.85 11.53 11.84
C PHE A 202 -5.14 12.33 11.94
N ALA A 203 -5.73 12.38 13.14
CA ALA A 203 -6.95 13.17 13.29
C ALA A 203 -6.65 14.68 13.09
N LYS A 204 -5.51 15.15 13.53
CA LYS A 204 -5.16 16.57 13.31
C LYS A 204 -4.96 16.87 11.83
N ILE A 205 -4.26 15.98 11.11
CA ILE A 205 -4.10 16.17 9.68
C ILE A 205 -5.45 16.25 8.96
N TYR A 206 -6.33 15.27 9.29
CA TYR A 206 -7.68 15.25 8.77
C TYR A 206 -8.40 16.61 9.00
N GLU A 207 -8.36 17.11 10.23
CA GLU A 207 -8.92 18.42 10.60
C GLU A 207 -8.32 19.53 9.78
N ASP A 208 -7.01 19.57 9.75
CA ASP A 208 -6.30 20.66 9.09
C ASP A 208 -6.51 20.65 7.60
N ALA A 209 -6.83 19.53 7.00
CA ALA A 209 -7.18 19.47 5.57
C ALA A 209 -8.62 19.81 5.32
N GLY A 210 -9.40 20.15 6.36
CA GLY A 210 -10.80 20.46 6.18
C GLY A 210 -11.70 19.25 6.09
N LYS A 211 -11.29 18.11 6.60
CA LYS A 211 -12.09 16.88 6.60
C LYS A 211 -12.64 16.62 5.16
N PRO A 212 -11.76 16.50 4.19
CA PRO A 212 -12.24 16.39 2.80
C PRO A 212 -13.13 15.19 2.62
N ARG A 213 -14.21 15.35 1.88
CA ARG A 213 -15.16 14.25 1.63
C ARG A 213 -14.52 13.00 1.08
N ALA A 214 -13.54 13.16 0.20
CA ALA A 214 -12.92 12.00 -0.44
C ALA A 214 -12.15 11.14 0.57
N VAL A 215 -11.73 11.66 1.70
CA VAL A 215 -10.96 10.85 2.66
C VAL A 215 -11.90 9.90 3.39
N ARG A 216 -11.73 8.60 3.15
CA ARG A 216 -12.48 7.59 3.86
C ARG A 216 -11.83 7.17 5.14
N GLY A 217 -10.51 7.25 5.25
CA GLY A 217 -9.81 6.75 6.40
C GLY A 217 -8.36 6.46 6.11
N LEU A 218 -7.96 5.26 6.52
CA LEU A 218 -6.56 4.87 6.62
C LEU A 218 -6.35 3.50 6.00
N ALA A 219 -5.11 3.27 5.55
CA ALA A 219 -4.66 1.98 5.03
C ALA A 219 -3.64 1.39 5.98
N THR A 220 -3.75 0.10 6.30
CA THR A 220 -2.78 -0.53 7.18
C THR A 220 -2.18 -1.78 6.53
N ASN A 221 -1.00 -2.15 7.07
CA ASN A 221 -0.28 -3.32 6.65
C ASN A 221 0.29 -3.21 5.23
N VAL A 222 0.32 -2.02 4.65
CA VAL A 222 0.84 -1.84 3.29
C VAL A 222 2.26 -2.38 3.22
N ALA A 223 2.51 -3.30 2.30
CA ALA A 223 3.83 -3.89 2.08
C ALA A 223 4.31 -4.74 3.23
N ASN A 224 3.47 -5.01 4.22
CA ASN A 224 3.82 -5.87 5.32
C ASN A 224 3.03 -7.16 5.23
N TYR A 225 3.15 -8.02 6.27
CA TYR A 225 2.76 -9.44 6.13
C TYR A 225 1.78 -9.86 7.22
N ASN A 226 1.23 -8.90 7.95
CA ASN A 226 0.49 -9.23 9.17
C ASN A 226 -0.79 -9.97 8.86
N ALA A 227 -1.25 -10.72 9.87
CA ALA A 227 -2.57 -11.34 9.80
C ALA A 227 -3.63 -10.25 9.95
N TRP A 228 -4.79 -10.50 9.33
CA TRP A 228 -6.03 -9.80 9.68
C TRP A 228 -6.48 -10.27 11.05
N SER A 229 -6.74 -11.58 11.19
CA SER A 229 -7.23 -12.10 12.43
C SER A 229 -6.82 -13.53 12.64
N VAL A 230 -5.97 -13.78 13.61
CA VAL A 230 -5.55 -15.14 13.98
C VAL A 230 -5.72 -15.37 15.44
N SER A 231 -5.84 -16.66 15.79
CA SER A 231 -6.15 -17.06 17.17
C SER A 231 -4.98 -16.92 18.10
N SER A 232 -3.78 -17.19 17.61
CA SER A 232 -2.56 -17.25 18.40
CA SER A 232 -2.65 -17.05 18.51
C SER A 232 -1.62 -16.09 17.98
N PRO A 233 -1.05 -15.32 18.91
CA PRO A 233 -0.07 -14.30 18.49
C PRO A 233 1.14 -14.95 17.85
N PRO A 234 1.55 -14.51 16.67
CA PRO A 234 2.82 -15.02 16.12
C PRO A 234 3.94 -14.71 17.05
N PRO A 235 4.98 -15.54 17.07
CA PRO A 235 6.02 -15.38 18.08
C PRO A 235 6.74 -14.02 18.04
N TYR A 236 6.95 -13.47 16.84
CA TYR A 236 7.67 -12.22 16.70
C TYR A 236 6.82 -11.00 17.12
N THR A 237 5.56 -11.21 17.45
CA THR A 237 4.71 -10.07 17.87
C THR A 237 4.76 -9.77 19.36
N SER A 238 5.33 -10.71 20.14
CA SER A 238 5.25 -10.55 21.59
C SER A 238 6.10 -9.38 22.06
N PRO A 239 5.66 -8.60 23.05
CA PRO A 239 4.44 -8.75 23.81
C PRO A 239 3.33 -7.78 23.39
N ASN A 240 3.22 -7.44 22.13
CA ASN A 240 2.18 -6.47 21.69
C ASN A 240 0.81 -7.16 21.82
N PRO A 241 -0.14 -6.59 22.59
CA PRO A 241 -1.49 -7.17 22.58
C PRO A 241 -2.18 -7.03 21.22
N ASN A 242 -1.77 -6.05 20.42
CA ASN A 242 -2.35 -5.81 19.09
C ASN A 242 -1.51 -6.55 18.09
N TYR A 243 -1.70 -7.87 18.03
CA TYR A 243 -0.78 -8.76 17.30
C TYR A 243 -1.23 -9.04 15.91
N ASP A 244 -2.38 -8.54 15.51
CA ASP A 244 -2.93 -8.65 14.16
C ASP A 244 -3.66 -7.34 13.83
N GLU A 245 -4.04 -7.20 12.57
CA GLU A 245 -4.63 -5.94 12.13
C GLU A 245 -6.01 -5.73 12.73
N LYS A 246 -6.78 -6.79 12.99
CA LYS A 246 -8.10 -6.59 13.64
C LYS A 246 -7.91 -5.99 15.00
N HIS A 247 -6.99 -6.52 15.81
CA HIS A 247 -6.75 -5.92 17.12
C HIS A 247 -6.34 -4.45 17.01
N TYR A 248 -5.41 -4.16 16.10
CA TYR A 248 -4.94 -2.81 15.89
C TYR A 248 -6.10 -1.88 15.56
N ILE A 249 -6.89 -2.23 14.54
CA ILE A 249 -7.98 -1.37 14.08
C ILE A 249 -9.03 -1.20 15.13
N GLU A 250 -9.38 -2.25 15.85
CA GLU A 250 -10.40 -2.13 16.90
C GLU A 250 -9.93 -1.25 18.04
N ALA A 251 -8.63 -1.22 18.31
CA ALA A 251 -8.10 -0.31 19.32
C ALA A 251 -7.92 1.11 18.80
N PHE A 252 -7.61 1.26 17.52
CA PHE A 252 -7.24 2.54 16.95
C PHE A 252 -8.45 3.39 16.58
N ARG A 253 -9.45 2.77 15.99
CA ARG A 253 -10.64 3.52 15.54
C ARG A 253 -11.27 4.35 16.68
N PRO A 254 -11.48 3.83 17.89
CA PRO A 254 -12.18 4.67 18.88
C PRO A 254 -11.34 5.90 19.22
N LEU A 255 -10.01 5.77 19.23
CA LEU A 255 -9.13 6.90 19.51
C LEU A 255 -9.23 7.97 18.42
N LEU A 256 -9.20 7.52 17.17
CA LEU A 256 -9.34 8.43 16.03
C LEU A 256 -10.70 9.13 16.04
N GLU A 257 -11.75 8.37 16.33
CA GLU A 257 -13.11 8.88 16.28
C GLU A 257 -13.33 9.94 17.37
N ALA A 258 -12.83 9.71 18.57
CA ALA A 258 -12.98 10.72 19.63
C ALA A 258 -12.27 12.01 19.26
N ARG A 259 -11.30 11.92 18.35
CA ARG A 259 -10.51 13.03 17.88
C ARG A 259 -11.04 13.58 16.56
N GLY A 260 -12.22 13.18 16.14
CA GLY A 260 -12.86 13.80 15.01
C GLY A 260 -12.79 13.06 13.71
N PHE A 261 -12.14 11.87 13.70
CA PHE A 261 -11.83 11.18 12.43
C PHE A 261 -12.35 9.74 12.52
N PRO A 262 -13.59 9.48 12.12
CA PRO A 262 -14.18 8.13 12.21
C PRO A 262 -13.70 7.31 11.04
N ALA A 263 -12.40 7.01 11.01
CA ALA A 263 -11.75 6.43 9.86
C ALA A 263 -12.23 5.04 9.57
N GLN A 264 -12.55 4.78 8.30
CA GLN A 264 -12.67 3.44 7.79
C GLN A 264 -11.32 2.95 7.27
N PHE A 265 -11.12 1.66 7.20
CA PHE A 265 -9.82 1.10 6.88
C PHE A 265 -9.84 0.23 5.66
N ILE A 266 -8.69 0.17 4.98
CA ILE A 266 -8.38 -0.90 4.06
C ILE A 266 -7.14 -1.57 4.59
N VAL A 267 -7.06 -2.89 4.44
CA VAL A 267 -5.98 -3.69 5.02
C VAL A 267 -5.32 -4.48 3.93
N ASP A 268 -4.00 -4.28 3.72
CA ASP A 268 -3.25 -5.12 2.77
C ASP A 268 -3.23 -6.54 3.30
N GLN A 269 -3.53 -7.48 2.42
CA GLN A 269 -3.42 -8.91 2.68
C GLN A 269 -2.67 -9.62 1.56
N GLY A 270 -2.06 -8.89 0.66
CA GLY A 270 -1.45 -9.50 -0.49
C GLY A 270 -0.31 -10.45 -0.20
N ARG A 271 0.34 -10.34 0.96
CA ARG A 271 1.39 -11.27 1.38
C ARG A 271 1.16 -11.81 2.77
N SER A 272 -0.14 -11.95 3.13
CA SER A 272 -0.56 -12.34 4.47
C SER A 272 -1.17 -13.72 4.58
N GLY A 273 -1.20 -14.50 3.48
CA GLY A 273 -1.95 -15.74 3.53
C GLY A 273 -1.41 -16.79 4.48
N LYS A 274 -0.12 -16.83 4.69
CA LYS A 274 0.51 -17.77 5.63
C LYS A 274 0.81 -17.07 6.93
N GLN A 275 0.28 -17.65 8.02
CA GLN A 275 0.48 -17.13 9.36
C GLN A 275 0.83 -18.29 10.26
N PRO A 276 1.79 -18.16 11.17
CA PRO A 276 2.76 -17.05 11.18
C PRO A 276 3.63 -17.08 9.93
N THR A 277 4.36 -16.00 9.70
CA THR A 277 5.28 -15.91 8.59
C THR A 277 6.64 -16.54 8.97
N GLY A 278 7.60 -16.46 8.06
CA GLY A 278 8.99 -16.78 8.34
C GLY A 278 9.82 -15.61 8.84
N GLN A 279 9.21 -14.48 9.17
CA GLN A 279 9.95 -13.40 9.81
C GLN A 279 10.50 -13.88 11.14
N LYS A 280 11.76 -13.52 11.43
CA LYS A 280 12.34 -13.75 12.74
C LYS A 280 12.02 -12.63 13.69
N GLU A 281 11.80 -11.44 13.15
CA GLU A 281 11.40 -10.27 13.95
C GLU A 281 10.36 -9.51 13.13
N TRP A 282 9.50 -8.78 13.84
CA TRP A 282 8.38 -8.13 13.20
C TRP A 282 8.80 -7.04 12.24
N GLY A 283 9.90 -6.36 12.57
CA GLY A 283 10.42 -5.29 11.76
C GLY A 283 11.20 -5.71 10.54
N HIS A 284 11.30 -6.99 10.27
CA HIS A 284 11.99 -7.50 9.09
C HIS A 284 10.98 -7.46 7.95
N TRP A 285 11.01 -6.39 7.19
CA TRP A 285 10.04 -6.14 6.13
C TRP A 285 10.48 -6.60 4.77
N CYS A 286 11.76 -6.86 4.56
CA CYS A 286 12.26 -7.01 3.18
C CYS A 286 12.24 -8.46 2.69
N ASN A 287 11.44 -8.71 1.66
CA ASN A 287 11.46 -9.99 0.96
C ASN A 287 11.36 -11.17 1.95
N ALA A 288 10.44 -11.10 2.90
CA ALA A 288 10.45 -12.07 4.01
C ALA A 288 10.08 -13.48 3.53
N ILE A 289 10.81 -14.45 4.02
CA ILE A 289 10.54 -15.85 3.69
C ILE A 289 9.27 -16.32 4.44
N GLY A 290 8.73 -17.45 3.97
CA GLY A 290 7.63 -18.05 4.68
C GLY A 290 6.34 -17.25 4.62
N THR A 291 6.09 -16.56 3.53
CA THR A 291 4.88 -15.78 3.31
C THR A 291 4.15 -16.31 2.07
N GLY A 292 2.85 -16.03 2.00
CA GLY A 292 1.98 -16.44 0.92
C GLY A 292 1.04 -15.35 0.48
N PHE A 293 0.58 -15.45 -0.75
CA PHE A 293 -0.55 -14.63 -1.21
C PHE A 293 -1.72 -14.86 -0.22
N GLY A 294 -2.45 -13.81 0.09
CA GLY A 294 -3.52 -13.89 1.07
C GLY A 294 -4.93 -13.71 0.49
N MET A 295 -5.83 -13.35 1.41
CA MET A 295 -7.24 -13.29 1.03
C MET A 295 -7.45 -12.31 -0.12
N ARG A 296 -8.34 -12.68 -1.02
CA ARG A 296 -8.52 -11.94 -2.24
C ARG A 296 -9.18 -10.60 -1.96
N PRO A 297 -8.90 -9.57 -2.73
CA PRO A 297 -9.53 -8.25 -2.51
C PRO A 297 -11.03 -8.36 -2.54
N THR A 298 -11.67 -7.67 -1.60
CA THR A 298 -13.13 -7.68 -1.50
C THR A 298 -13.60 -6.53 -0.67
N ALA A 299 -14.79 -6.02 -1.01
CA ALA A 299 -15.54 -5.11 -0.16
C ALA A 299 -16.28 -5.87 0.94
N ASN A 300 -16.46 -7.18 0.79
CA ASN A 300 -17.28 -7.95 1.72
C ASN A 300 -16.44 -8.45 2.87
N THR A 301 -15.97 -7.50 3.68
CA THR A 301 -15.03 -7.78 4.74
C THR A 301 -15.72 -8.44 5.92
N GLY A 302 -16.99 -8.16 6.13
CA GLY A 302 -17.67 -8.61 7.33
C GLY A 302 -17.39 -7.79 8.55
N HIS A 303 -16.56 -6.76 8.49
CA HIS A 303 -16.18 -5.98 9.66
C HIS A 303 -16.58 -4.53 9.48
N GLN A 304 -17.22 -3.97 10.48
CA GLN A 304 -17.79 -2.64 10.41
C GLN A 304 -16.77 -1.56 10.04
N TYR A 305 -15.54 -1.68 10.47
CA TYR A 305 -14.55 -0.62 10.27
C TYR A 305 -13.70 -0.80 9.05
N VAL A 306 -13.91 -1.87 8.28
CA VAL A 306 -13.01 -2.21 7.18
C VAL A 306 -13.81 -2.14 5.88
N ASP A 307 -13.50 -1.13 5.07
CA ASP A 307 -14.12 -0.99 3.76
C ASP A 307 -13.70 -2.10 2.81
N ALA A 308 -12.45 -2.57 2.87
CA ALA A 308 -11.99 -3.62 1.97
C ALA A 308 -10.76 -4.27 2.50
N PHE A 309 -10.63 -5.58 2.17
CA PHE A 309 -9.35 -6.24 2.14
C PHE A 309 -8.79 -6.03 0.76
N VAL A 310 -7.50 -5.68 0.64
CA VAL A 310 -6.89 -5.29 -0.60
C VAL A 310 -5.53 -5.94 -0.74
N TRP A 311 -4.99 -5.89 -1.95
CA TRP A 311 -3.58 -6.24 -2.23
C TRP A 311 -2.93 -4.91 -2.62
N VAL A 312 -2.23 -4.27 -1.70
CA VAL A 312 -1.60 -2.99 -1.97
C VAL A 312 -0.22 -3.24 -2.59
N LYS A 313 0.72 -3.79 -1.84
CA LYS A 313 1.99 -4.19 -2.42
C LYS A 313 1.83 -5.41 -3.29
N PRO A 314 2.21 -5.36 -4.58
CA PRO A 314 1.97 -6.50 -5.47
C PRO A 314 3.04 -7.56 -5.25
N GLY A 315 2.64 -8.75 -4.87
CA GLY A 315 3.57 -9.83 -4.56
C GLY A 315 4.35 -10.26 -5.79
N GLY A 316 5.66 -10.40 -5.64
CA GLY A 316 6.57 -10.70 -6.72
C GLY A 316 7.46 -9.54 -7.11
N GLU A 317 7.03 -8.31 -6.82
CA GLU A 317 7.85 -7.13 -7.06
C GLU A 317 8.79 -6.95 -5.90
N CYS A 318 10.07 -6.91 -6.15
CA CYS A 318 11.08 -6.96 -5.07
C CYS A 318 11.02 -5.76 -4.14
N ASN A 319 11.32 -5.99 -2.86
CA ASN A 319 11.38 -4.91 -1.87
C ASN A 319 12.74 -4.21 -1.77
N GLY A 320 13.75 -4.84 -2.39
CA GLY A 320 15.12 -4.32 -2.29
C GLY A 320 16.13 -5.38 -2.60
N THR A 321 17.30 -4.96 -3.10
CA THR A 321 18.35 -5.86 -3.44
C THR A 321 19.06 -6.46 -2.24
N SER A 322 19.54 -7.68 -2.41
CA SER A 322 20.39 -8.29 -1.42
C SER A 322 21.88 -8.12 -1.71
N ASP A 323 22.20 -7.39 -2.77
CA ASP A 323 23.61 -7.11 -3.12
C ASP A 323 24.12 -5.99 -2.21
N THR A 324 24.98 -6.37 -1.28
CA THR A 324 25.46 -5.46 -0.30
C THR A 324 26.31 -4.35 -0.84
N THR A 325 26.73 -4.46 -2.08
CA THR A 325 27.54 -3.42 -2.73
C THR A 325 26.75 -2.41 -3.51
N ALA A 326 25.43 -2.61 -3.62
CA ALA A 326 24.65 -1.76 -4.47
C ALA A 326 24.41 -0.40 -3.81
N ALA A 327 24.27 0.65 -4.60
CA ALA A 327 24.14 2.02 -4.05
C ALA A 327 23.02 2.22 -3.01
N ARG A 328 21.91 1.66 -3.29
CA ARG A 328 20.73 1.87 -2.38
C ARG A 328 20.44 0.59 -1.59
N TYR A 329 21.48 -0.18 -1.30
CA TYR A 329 21.31 -1.37 -0.47
C TYR A 329 20.78 -1.03 0.91
N ASP A 330 19.75 -1.74 1.33
CA ASP A 330 19.13 -1.64 2.64
C ASP A 330 19.43 -2.93 3.40
N TYR A 331 20.13 -2.83 4.54
CA TYR A 331 20.55 -4.03 5.24
C TYR A 331 19.40 -4.96 5.59
N HIS A 332 18.17 -4.45 5.67
CA HIS A 332 17.03 -5.34 5.95
C HIS A 332 16.94 -6.47 4.93
N CYS A 333 17.38 -6.17 3.70
CA CYS A 333 17.27 -7.11 2.59
C CYS A 333 18.41 -8.16 2.56
N GLY A 334 19.34 -8.01 3.52
CA GLY A 334 20.43 -8.95 3.69
C GLY A 334 20.24 -9.86 4.87
N LEU A 335 19.16 -9.75 5.61
CA LEU A 335 18.97 -10.53 6.82
C LEU A 335 18.65 -11.99 6.50
N GLU A 336 18.79 -12.83 7.52
CA GLU A 336 18.66 -14.28 7.31
C GLU A 336 17.26 -14.71 6.83
N ASP A 337 16.23 -13.93 7.11
CA ASP A 337 14.87 -14.23 6.74
C ASP A 337 14.42 -13.44 5.51
N ALA A 338 15.36 -12.89 4.75
CA ALA A 338 15.09 -12.17 3.49
C ALA A 338 15.54 -13.17 2.36
N LEU A 339 14.68 -13.42 1.40
CA LEU A 339 14.99 -14.33 0.33
C LEU A 339 16.07 -13.72 -0.58
N LYS A 340 17.02 -14.57 -0.96
CA LYS A 340 18.17 -14.13 -1.76
C LYS A 340 18.48 -15.15 -2.88
N PRO A 341 19.14 -14.75 -3.97
CA PRO A 341 19.49 -13.37 -4.28
C PRO A 341 18.29 -12.60 -4.78
N ALA A 342 18.21 -11.38 -4.32
CA ALA A 342 17.09 -10.50 -4.65
C ALA A 342 17.59 -9.36 -5.55
N PRO A 343 16.84 -8.98 -6.58
CA PRO A 343 17.23 -7.88 -7.47
C PRO A 343 16.86 -6.52 -6.85
N GLU A 344 17.09 -5.43 -7.59
CA GLU A 344 16.74 -4.11 -7.11
C GLU A 344 15.28 -3.96 -6.83
N ALA A 345 14.94 -3.07 -5.91
CA ALA A 345 13.61 -2.76 -5.55
C ALA A 345 12.79 -2.46 -6.79
N GLY A 346 11.62 -3.07 -6.88
CA GLY A 346 10.70 -2.83 -8.00
C GLY A 346 10.92 -3.79 -9.13
N GLN A 347 12.01 -4.49 -9.22
CA GLN A 347 12.21 -5.48 -10.25
C GLN A 347 11.49 -6.77 -9.86
N TRP A 348 11.10 -7.53 -10.87
CA TRP A 348 10.46 -8.84 -10.64
C TRP A 348 11.42 -9.79 -9.95
N PHE A 349 10.92 -10.50 -8.96
CA PHE A 349 11.69 -11.44 -8.14
C PHE A 349 11.00 -12.79 -8.20
N ASN A 350 11.32 -13.58 -9.25
CA ASN A 350 10.50 -14.73 -9.53
C ASN A 350 10.50 -15.79 -8.43
N GLU A 351 11.64 -16.03 -7.77
CA GLU A 351 11.67 -17.00 -6.69
C GLU A 351 10.71 -16.62 -5.59
N TYR A 352 10.60 -15.31 -5.34
CA TYR A 352 9.69 -14.80 -4.32
C TYR A 352 8.23 -15.01 -4.74
N PHE A 353 7.95 -14.70 -6.02
CA PHE A 353 6.63 -15.00 -6.57
C PHE A 353 6.24 -16.47 -6.38
N ILE A 354 7.17 -17.39 -6.65
CA ILE A 354 6.87 -18.80 -6.48
C ILE A 354 6.61 -19.15 -5.01
N GLN A 355 7.41 -18.58 -4.08
CA GLN A 355 7.15 -18.76 -2.66
C GLN A 355 5.70 -18.36 -2.33
N LEU A 356 5.32 -17.14 -2.82
CA LEU A 356 3.98 -16.63 -2.50
C LEU A 356 2.90 -17.55 -3.05
N LEU A 357 3.12 -18.12 -4.23
CA LEU A 357 2.17 -19.09 -4.83
C LEU A 357 2.10 -20.35 -3.99
N ARG A 358 3.23 -20.91 -3.62
CA ARG A 358 3.22 -22.15 -2.82
C ARG A 358 2.49 -21.98 -1.54
N ASN A 359 2.64 -20.84 -0.87
CA ASN A 359 2.06 -20.58 0.42
C ASN A 359 0.71 -19.87 0.33
N ALA A 360 0.12 -19.74 -0.87
CA ALA A 360 -1.09 -18.96 -1.02
C ALA A 360 -2.21 -19.54 -0.16
N ASN A 361 -2.99 -18.68 0.44
CA ASN A 361 -4.15 -19.06 1.19
C ASN A 361 -5.18 -17.97 1.12
N PRO A 362 -6.27 -18.15 0.40
CA PRO A 362 -6.62 -19.39 -0.30
C PRO A 362 -5.68 -19.74 -1.42
N PRO A 363 -5.50 -21.03 -1.69
CA PRO A 363 -4.62 -21.47 -2.75
C PRO A 363 -5.19 -21.08 -4.13
N PHE A 364 -4.30 -21.00 -5.09
CA PHE A 364 -4.62 -20.82 -6.51
C PHE A 364 -4.71 -22.16 -7.24
#